data_8YJP
#
_entry.id   8YJP
#
_cell.length_a   1.00
_cell.length_b   1.00
_cell.length_c   1.00
_cell.angle_alpha   90.00
_cell.angle_beta   90.00
_cell.angle_gamma   90.00
#
_symmetry.space_group_name_H-M   'P 1'
#
loop_
_entity.id
_entity.type
_entity.pdbx_description
1 polymer 'Probable G-protein coupled receptor 156'
2 non-polymer '(21R,24R,27S)-24,27,28-trihydroxy-18,24-dioxo-19,23,25-trioxa-24lambda~5~-phosphaoctacosan-21-yl (9Z)-octadec-9-enoate'
3 non-polymer CHOLESTEROL
#
_entity_poly.entity_id   1
_entity_poly.type   'polypeptide(L)'
_entity_poly.pdbx_seq_one_letter_code
;MEPEINCSELCDSFPGQELDRRPLHDLCKTTITSSHHSSKTISSLSPVLLGIVWTFLSCGLLLILFFLAFTIHCRKNRIV
KMSSPNLNIVTLLGSCLTYSSAYLFGIQDVLVGSSMETLIQTRLSMLCIGTSLVFGPILGKSWRLYKVFTQRVPDKRVII
KDLQLLGLVAALLMADVILLMTWVLTDPIQCLQILSVSMTVTGKDVSCTSTSTHFCASRYSDVWIALIWGCKGLLLLYGA
YLAGLTGHVSSPPVNQSLTIMVGVNLLVLAAGLLFVVTRYLHSWPNLVFGLTSGGIFVCTTTINCFIFIPQLKQWKAFEE
ENQTIRRMAKYFSTPNKSFHTQYGEE
;
_entity_poly.pdbx_strand_id   A,B
#
# COMPACT_ATOMS: atom_id res chain seq x y z
N ARG A 22 23.19 20.80 -30.31
CA ARG A 22 23.65 19.51 -29.78
C ARG A 22 23.67 18.45 -30.88
N PRO A 23 24.80 17.73 -31.00
CA PRO A 23 24.87 16.66 -32.00
C PRO A 23 23.97 15.48 -31.70
N LEU A 24 23.20 15.56 -30.61
CA LEU A 24 22.30 14.47 -30.26
C LEU A 24 21.20 14.30 -31.30
N HIS A 25 20.67 15.42 -31.82
CA HIS A 25 19.63 15.33 -32.84
C HIS A 25 20.16 14.68 -34.11
N ASP A 26 21.39 14.99 -34.50
CA ASP A 26 21.96 14.40 -35.70
C ASP A 26 22.07 12.89 -35.57
N LEU A 27 22.66 12.42 -34.47
CA LEU A 27 22.76 10.98 -34.21
C LEU A 27 21.41 10.31 -34.01
N CYS A 28 20.38 11.06 -33.58
CA CYS A 28 19.00 10.56 -33.66
C CYS A 28 18.73 9.87 -35.00
N LYS A 29 18.75 10.64 -36.09
CA LYS A 29 18.43 10.06 -37.39
C LYS A 29 19.49 9.08 -37.85
N THR A 30 20.71 9.17 -37.32
CA THR A 30 21.75 8.21 -37.67
C THR A 30 21.44 6.83 -37.12
N THR A 31 20.87 6.76 -35.91
CA THR A 31 20.47 5.49 -35.33
C THR A 31 19.10 5.02 -35.83
N ILE A 32 18.30 5.92 -36.39
CA ILE A 32 16.99 5.53 -36.92
C ILE A 32 17.16 4.57 -38.10
N THR A 33 18.20 4.75 -38.90
CA THR A 33 18.45 3.82 -40.00
C THR A 33 18.75 2.43 -39.47
N SER A 34 19.57 2.36 -38.42
CA SER A 34 19.89 1.07 -37.81
C SER A 34 18.73 0.60 -36.95
N SER A 35 17.69 1.42 -36.84
CA SER A 35 16.53 1.05 -36.03
C SER A 35 15.46 0.37 -36.88
N HIS A 36 15.82 0.01 -38.11
CA HIS A 36 14.86 -0.62 -39.00
C HIS A 36 14.29 -1.89 -38.39
N HIS A 37 15.15 -2.66 -37.72
CA HIS A 37 14.69 -3.91 -37.11
C HIS A 37 14.69 -3.83 -35.59
N SER A 38 14.14 -4.85 -34.94
CA SER A 38 14.09 -4.88 -33.48
C SER A 38 13.94 -6.30 -33.01
N SER A 39 14.40 -6.56 -31.79
CA SER A 39 14.33 -7.90 -31.23
C SER A 39 12.87 -8.33 -31.03
N LYS A 40 12.58 -9.58 -31.36
CA LYS A 40 11.24 -10.14 -31.23
C LYS A 40 11.04 -10.91 -29.94
N THR A 41 12.07 -11.00 -29.10
CA THR A 41 12.05 -11.69 -27.80
C THR A 41 11.96 -13.20 -27.98
N ILE A 42 12.52 -13.94 -27.02
CA ILE A 42 12.52 -15.39 -27.06
C ILE A 42 12.06 -15.93 -25.72
N SER A 43 11.68 -17.21 -25.70
CA SER A 43 11.21 -17.85 -24.49
C SER A 43 12.39 -18.36 -23.67
N SER A 44 12.34 -18.08 -22.36
CA SER A 44 13.40 -18.52 -21.45
C SER A 44 12.82 -18.97 -20.12
N LEU A 45 11.61 -19.54 -20.16
CA LEU A 45 10.97 -20.09 -18.97
C LEU A 45 11.26 -21.59 -18.90
N SER A 46 11.95 -22.01 -17.85
CA SER A 46 12.38 -23.39 -17.73
C SER A 46 11.17 -24.33 -17.70
N PRO A 47 11.19 -25.42 -18.48
CA PRO A 47 10.03 -26.34 -18.46
C PRO A 47 9.74 -26.94 -17.11
N VAL A 48 10.78 -27.37 -16.37
CA VAL A 48 10.58 -28.00 -15.07
C VAL A 48 9.78 -27.09 -14.14
N LEU A 49 10.12 -25.80 -14.11
CA LEU A 49 9.38 -24.86 -13.25
C LEU A 49 7.93 -24.74 -13.69
N LEU A 50 7.68 -24.68 -15.00
CA LEU A 50 6.30 -24.64 -15.49
C LEU A 50 5.53 -25.88 -15.04
N GLY A 51 6.15 -27.05 -15.17
CA GLY A 51 5.48 -28.26 -14.76
C GLY A 51 5.17 -28.28 -13.27
N ILE A 52 6.12 -27.86 -12.44
CA ILE A 52 5.90 -27.88 -10.99
C ILE A 52 4.78 -26.91 -10.61
N VAL A 53 4.81 -25.71 -11.17
CA VAL A 53 3.80 -24.71 -10.79
C VAL A 53 2.43 -25.13 -11.31
N TRP A 54 2.37 -25.69 -12.52
CA TRP A 54 1.09 -26.17 -13.04
C TRP A 54 0.56 -27.31 -12.19
N THR A 55 1.43 -28.20 -11.73
CA THR A 55 0.99 -29.27 -10.85
C THR A 55 0.41 -28.74 -9.55
N PHE A 56 1.11 -27.78 -8.93
CA PHE A 56 0.63 -27.26 -7.65
C PHE A 56 -0.67 -26.50 -7.81
N LEU A 57 -0.78 -25.68 -8.85
CA LEU A 57 -2.03 -24.97 -9.10
C LEU A 57 -3.15 -25.93 -9.47
N SER A 58 -2.85 -27.04 -10.15
CA SER A 58 -3.87 -28.03 -10.46
C SER A 58 -4.37 -28.72 -9.19
N CYS A 59 -3.46 -29.02 -8.27
CA CYS A 59 -3.88 -29.55 -6.98
C CYS A 59 -4.77 -28.55 -6.23
N GLY A 60 -4.39 -27.27 -6.26
CA GLY A 60 -5.23 -26.25 -5.65
C GLY A 60 -6.60 -26.16 -6.29
N LEU A 61 -6.66 -26.23 -7.62
CA LEU A 61 -7.94 -26.19 -8.32
C LEU A 61 -8.78 -27.41 -8.00
N LEU A 62 -8.15 -28.58 -7.88
CA LEU A 62 -8.88 -29.76 -7.44
C LEU A 62 -9.45 -29.56 -6.05
N LEU A 63 -8.69 -28.92 -5.17
CA LEU A 63 -9.21 -28.61 -3.83
C LEU A 63 -10.40 -27.66 -3.91
N ILE A 64 -10.32 -26.64 -4.76
CA ILE A 64 -11.41 -25.66 -4.88
C ILE A 64 -12.66 -26.34 -5.42
N LEU A 65 -12.50 -27.19 -6.44
CA LEU A 65 -13.64 -27.91 -7.00
C LEU A 65 -14.23 -28.87 -5.98
N PHE A 66 -13.37 -29.48 -5.15
CA PHE A 66 -13.85 -30.34 -4.07
C PHE A 66 -14.69 -29.54 -3.07
N PHE A 67 -14.25 -28.32 -2.74
CA PHE A 67 -15.02 -27.49 -1.82
C PHE A 67 -16.34 -27.06 -2.44
N LEU A 68 -16.33 -26.73 -3.74
CA LEU A 68 -17.57 -26.40 -4.45
C LEU A 68 -18.55 -27.57 -4.40
N ALA A 69 -18.06 -28.78 -4.69
CA ALA A 69 -18.92 -29.94 -4.65
C ALA A 69 -19.42 -30.22 -3.25
N PHE A 70 -18.57 -30.03 -2.24
CA PHE A 70 -18.98 -30.22 -0.86
C PHE A 70 -20.12 -29.29 -0.50
N THR A 71 -19.98 -28.00 -0.79
CA THR A 71 -21.04 -27.05 -0.45
C THR A 71 -22.31 -27.27 -1.27
N ILE A 72 -22.16 -27.66 -2.54
CA ILE A 72 -23.35 -27.96 -3.35
C ILE A 72 -24.09 -29.18 -2.82
N HIS A 73 -23.36 -30.25 -2.48
CA HIS A 73 -24.00 -31.47 -2.01
C HIS A 73 -24.54 -31.33 -0.61
N CYS A 74 -23.90 -30.50 0.22
CA CYS A 74 -24.33 -30.25 1.59
C CYS A 74 -24.97 -28.87 1.63
N ARG A 75 -26.29 -28.83 1.56
CA ARG A 75 -27.03 -27.59 1.73
C ARG A 75 -28.11 -27.71 2.80
N LYS A 76 -28.21 -28.85 3.47
CA LYS A 76 -29.18 -29.05 4.53
C LYS A 76 -28.54 -29.21 5.90
N ASN A 77 -27.22 -29.37 5.97
CA ASN A 77 -26.55 -29.46 7.27
C ASN A 77 -26.56 -28.09 7.94
N ARG A 78 -26.51 -28.11 9.28
CA ARG A 78 -26.61 -26.85 10.00
C ARG A 78 -25.34 -26.02 9.87
N ILE A 79 -24.18 -26.67 9.73
CA ILE A 79 -22.95 -25.92 9.45
C ILE A 79 -23.08 -25.19 8.13
N VAL A 80 -23.78 -25.79 7.17
CA VAL A 80 -24.02 -25.13 5.88
C VAL A 80 -24.83 -23.86 6.09
N LYS A 81 -25.93 -23.95 6.85
CA LYS A 81 -26.74 -22.76 7.10
C LYS A 81 -25.94 -21.71 7.84
N MET A 82 -24.99 -22.13 8.68
CA MET A 82 -24.27 -21.18 9.51
C MET A 82 -23.22 -20.46 8.69
N SER A 83 -22.57 -21.15 7.77
CA SER A 83 -21.40 -20.63 7.08
C SER A 83 -21.74 -20.02 5.73
N SER A 84 -23.03 -19.82 5.42
CA SER A 84 -23.49 -19.08 4.25
C SER A 84 -22.95 -19.66 2.95
N PRO A 85 -23.48 -20.81 2.51
CA PRO A 85 -22.86 -21.50 1.37
C PRO A 85 -22.83 -20.70 0.08
N ASN A 86 -23.80 -19.83 -0.17
CA ASN A 86 -23.82 -19.07 -1.41
C ASN A 86 -22.63 -18.13 -1.50
N LEU A 87 -22.33 -17.42 -0.41
CA LEU A 87 -21.18 -16.54 -0.39
C LEU A 87 -19.89 -17.33 -0.52
N ASN A 88 -19.88 -18.56 -0.02
CA ASN A 88 -18.71 -19.42 -0.20
C ASN A 88 -18.58 -19.87 -1.65
N ILE A 89 -19.70 -20.07 -2.35
CA ILE A 89 -19.63 -20.35 -3.78
C ILE A 89 -19.03 -19.15 -4.51
N VAL A 90 -19.42 -17.95 -4.13
CA VAL A 90 -18.84 -16.74 -4.72
C VAL A 90 -17.34 -16.70 -4.47
N THR A 91 -16.93 -17.03 -3.24
CA THR A 91 -15.50 -17.04 -2.92
C THR A 91 -14.76 -18.08 -3.74
N LEU A 92 -15.35 -19.25 -3.94
CA LEU A 92 -14.71 -20.29 -4.74
C LEU A 92 -14.60 -19.88 -6.20
N LEU A 93 -15.61 -19.17 -6.73
CA LEU A 93 -15.49 -18.65 -8.09
C LEU A 93 -14.36 -17.63 -8.19
N GLY A 94 -14.22 -16.78 -7.17
CA GLY A 94 -13.08 -15.87 -7.15
C GLY A 94 -11.76 -16.61 -7.11
N SER A 95 -11.69 -17.68 -6.34
CA SER A 95 -10.48 -18.48 -6.27
C SER A 95 -10.17 -19.13 -7.62
N CYS A 96 -11.21 -19.59 -8.32
CA CYS A 96 -11.01 -20.16 -9.64
C CYS A 96 -10.46 -19.11 -10.61
N LEU A 97 -10.97 -17.88 -10.53
CA LEU A 97 -10.42 -16.81 -11.36
C LEU A 97 -8.95 -16.54 -11.02
N THR A 98 -8.61 -16.56 -9.73
CA THR A 98 -7.22 -16.29 -9.36
C THR A 98 -6.29 -17.40 -9.85
N TYR A 99 -6.71 -18.66 -9.75
CA TYR A 99 -5.88 -19.74 -10.30
C TYR A 99 -5.81 -19.68 -11.82
N SER A 100 -6.87 -19.23 -12.49
CA SER A 100 -6.79 -19.02 -13.94
C SER A 100 -5.74 -17.96 -14.27
N SER A 101 -5.72 -16.86 -13.50
CA SER A 101 -4.69 -15.85 -13.68
C SER A 101 -3.30 -16.42 -13.42
N ALA A 102 -3.19 -17.29 -12.41
CA ALA A 102 -1.90 -17.93 -12.13
C ALA A 102 -1.44 -18.78 -13.30
N TYR A 103 -2.36 -19.54 -13.92
CA TYR A 103 -2.04 -20.26 -15.15
C TYR A 103 -1.54 -19.32 -16.23
N LEU A 104 -2.29 -18.24 -16.49
CA LEU A 104 -1.89 -17.32 -17.55
C LEU A 104 -0.56 -16.65 -17.26
N PHE A 105 -0.16 -16.54 -15.99
CA PHE A 105 1.17 -16.04 -15.66
C PHE A 105 2.27 -16.89 -16.28
N GLY A 106 2.02 -18.18 -16.48
CA GLY A 106 2.99 -19.03 -17.14
C GLY A 106 2.83 -19.08 -18.64
N ILE A 107 2.55 -17.93 -19.24
CA ILE A 107 2.48 -17.78 -20.69
C ILE A 107 3.36 -16.59 -21.03
N GLN A 108 4.63 -16.86 -21.33
CA GLN A 108 5.60 -15.81 -21.61
C GLN A 108 6.38 -16.15 -22.88
N ASP A 109 6.35 -15.23 -23.84
CA ASP A 109 7.20 -15.30 -25.03
C ASP A 109 6.90 -16.49 -25.92
N VAL A 110 5.91 -17.31 -25.54
CA VAL A 110 5.51 -18.43 -26.40
C VAL A 110 4.89 -17.90 -27.69
N LEU A 111 4.16 -16.79 -27.60
CA LEU A 111 3.55 -16.14 -28.74
C LEU A 111 4.29 -14.85 -29.06
N VAL A 112 4.46 -14.58 -30.36
CA VAL A 112 5.14 -13.36 -30.81
C VAL A 112 4.16 -12.29 -31.25
N GLY A 113 2.85 -12.56 -31.21
CA GLY A 113 1.86 -11.62 -31.66
C GLY A 113 1.55 -10.56 -30.62
N SER A 114 0.62 -9.67 -30.99
CA SER A 114 0.18 -8.61 -30.11
C SER A 114 -0.57 -9.14 -28.89
N SER A 115 -1.03 -10.38 -28.94
CA SER A 115 -1.72 -11.06 -27.84
C SER A 115 -1.11 -10.77 -26.46
N MET A 116 0.22 -10.66 -26.38
CA MET A 116 0.89 -10.24 -25.15
C MET A 116 0.22 -9.03 -24.49
N GLU A 117 -0.24 -8.08 -25.30
CA GLU A 117 -1.03 -6.95 -24.82
C GLU A 117 -2.22 -7.44 -24.03
N THR A 118 -3.15 -8.12 -24.72
CA THR A 118 -4.34 -8.61 -24.05
C THR A 118 -4.01 -9.72 -23.06
N LEU A 119 -2.87 -10.40 -23.23
CA LEU A 119 -2.45 -11.38 -22.24
C LEU A 119 -2.24 -10.73 -20.89
N ILE A 120 -1.37 -9.72 -20.83
CA ILE A 120 -1.13 -9.02 -19.56
C ILE A 120 -2.40 -8.33 -19.08
N GLN A 121 -3.14 -7.70 -20.00
CA GLN A 121 -4.36 -7.01 -19.59
C GLN A 121 -5.33 -7.96 -18.90
N THR A 122 -5.61 -9.10 -19.54
CA THR A 122 -6.55 -10.07 -18.98
C THR A 122 -6.00 -10.70 -17.70
N ARG A 123 -4.68 -10.90 -17.63
CA ARG A 123 -4.11 -11.49 -16.43
C ARG A 123 -4.30 -10.58 -15.22
N LEU A 124 -3.98 -9.30 -15.37
CA LEU A 124 -4.19 -8.36 -14.27
C LEU A 124 -5.67 -8.15 -13.99
N SER A 125 -6.50 -8.16 -15.03
CA SER A 125 -7.94 -7.99 -14.82
C SER A 125 -8.50 -9.14 -14.01
N MET A 126 -7.99 -10.35 -14.23
CA MET A 126 -8.54 -11.50 -13.52
C MET A 126 -7.97 -11.55 -12.11
N LEU A 127 -6.73 -11.10 -11.93
CA LEU A 127 -6.22 -10.95 -10.56
C LEU A 127 -7.13 -10.03 -9.76
N CYS A 128 -7.44 -8.85 -10.31
CA CYS A 128 -8.27 -7.90 -9.59
C CYS A 128 -9.67 -8.45 -9.32
N ILE A 129 -10.29 -9.02 -10.35
CA ILE A 129 -11.65 -9.54 -10.21
C ILE A 129 -11.67 -10.69 -9.20
N GLY A 130 -10.69 -11.58 -9.25
CA GLY A 130 -10.64 -12.68 -8.31
C GLY A 130 -10.40 -12.24 -6.88
N THR A 131 -9.51 -11.28 -6.67
CA THR A 131 -9.29 -10.77 -5.32
C THR A 131 -10.55 -10.12 -4.78
N SER A 132 -11.24 -9.33 -5.60
CA SER A 132 -12.48 -8.72 -5.16
C SER A 132 -13.53 -9.77 -4.83
N LEU A 133 -13.67 -10.77 -5.70
CA LEU A 133 -14.68 -11.81 -5.51
C LEU A 133 -14.36 -12.75 -4.35
N VAL A 134 -13.08 -12.83 -3.95
CA VAL A 134 -12.73 -13.65 -2.80
C VAL A 134 -12.93 -12.87 -1.50
N PHE A 135 -12.56 -11.59 -1.48
CA PHE A 135 -12.55 -10.87 -0.23
C PHE A 135 -13.86 -10.16 0.09
N GLY A 136 -14.68 -9.83 -0.91
CA GLY A 136 -15.95 -9.19 -0.65
C GLY A 136 -16.91 -10.05 0.16
N PRO A 137 -17.12 -11.31 -0.23
CA PRO A 137 -18.07 -12.15 0.50
C PRO A 137 -17.73 -12.37 1.96
N ILE A 138 -16.45 -12.49 2.30
CA ILE A 138 -16.07 -12.69 3.70
C ILE A 138 -16.43 -11.45 4.52
N LEU A 139 -16.13 -10.27 3.99
CA LEU A 139 -16.49 -9.04 4.69
C LEU A 139 -17.99 -8.89 4.81
N GLY A 140 -18.74 -9.28 3.77
CA GLY A 140 -20.18 -9.25 3.86
C GLY A 140 -20.73 -10.16 4.94
N LYS A 141 -20.20 -11.38 5.02
CA LYS A 141 -20.63 -12.30 6.07
C LYS A 141 -20.31 -11.73 7.45
N SER A 142 -19.12 -11.16 7.61
CA SER A 142 -18.75 -10.58 8.90
C SER A 142 -19.64 -9.38 9.25
N TRP A 143 -19.99 -8.57 8.25
CA TRP A 143 -20.89 -7.44 8.49
C TRP A 143 -22.26 -7.93 8.91
N ARG A 144 -22.82 -8.96 8.29
CA ARG A 144 -24.08 -9.46 8.81
C ARG A 144 -23.89 -9.94 10.23
N LEU A 145 -22.88 -10.75 10.47
CA LEU A 145 -22.73 -11.29 11.81
C LEU A 145 -22.71 -10.18 12.85
N TYR A 146 -21.91 -9.14 12.59
CA TYR A 146 -21.92 -7.94 13.42
C TYR A 146 -23.33 -7.41 13.62
N LYS A 147 -23.99 -7.06 12.50
CA LYS A 147 -25.27 -6.39 12.56
C LYS A 147 -26.37 -7.26 13.17
N VAL A 148 -26.20 -8.58 13.18
CA VAL A 148 -27.26 -9.45 13.69
C VAL A 148 -27.01 -9.92 15.12
N PHE A 149 -25.79 -9.74 15.60
CA PHE A 149 -25.47 -10.12 16.96
C PHE A 149 -25.39 -8.95 17.90
N THR A 150 -24.68 -7.91 17.53
CA THR A 150 -24.50 -6.76 18.42
C THR A 150 -25.35 -5.57 18.00
N GLN A 151 -26.48 -5.81 17.35
CA GLN A 151 -27.48 -4.79 17.06
C GLN A 151 -28.87 -5.32 17.39
N ARG A 152 -29.01 -5.87 18.60
CA ARG A 152 -30.29 -6.37 19.09
C ARG A 152 -31.14 -5.25 19.70
N VAL A 153 -31.29 -4.17 18.94
CA VAL A 153 -32.04 -2.98 19.36
C VAL A 153 -33.51 -3.35 19.49
N PRO A 154 -34.31 -2.58 20.25
CA PRO A 154 -35.74 -2.90 20.38
C PRO A 154 -36.45 -3.16 19.06
N ASP A 155 -36.05 -2.48 17.99
CA ASP A 155 -36.55 -2.79 16.66
C ASP A 155 -35.78 -3.99 16.13
N LYS A 156 -36.42 -5.16 16.11
CA LYS A 156 -35.71 -6.39 15.82
C LYS A 156 -35.16 -6.39 14.40
N ARG A 157 -33.92 -6.84 14.26
CA ARG A 157 -33.33 -7.10 12.94
C ARG A 157 -33.95 -8.38 12.42
N VAL A 158 -35.09 -8.23 11.74
CA VAL A 158 -35.88 -9.40 11.33
C VAL A 158 -35.07 -10.29 10.39
N ILE A 159 -34.71 -9.76 9.23
CA ILE A 159 -33.94 -10.51 8.24
C ILE A 159 -32.97 -9.56 7.54
N ILE A 160 -31.75 -10.04 7.34
CA ILE A 160 -30.77 -9.41 6.46
C ILE A 160 -30.29 -10.50 5.50
N LYS A 161 -30.96 -10.61 4.36
CA LYS A 161 -30.84 -11.77 3.51
C LYS A 161 -29.52 -11.75 2.75
N ASP A 162 -29.24 -12.84 2.04
CA ASP A 162 -28.01 -12.93 1.26
C ASP A 162 -28.03 -11.95 0.11
N LEU A 163 -29.22 -11.63 -0.36
CA LEU A 163 -29.32 -10.73 -1.50
C LEU A 163 -28.63 -9.40 -1.24
N GLN A 164 -28.70 -8.89 -0.02
CA GLN A 164 -28.04 -7.61 0.28
C GLN A 164 -26.53 -7.74 0.18
N LEU A 165 -25.97 -8.83 0.72
CA LEU A 165 -24.52 -9.02 0.64
C LEU A 165 -24.08 -9.24 -0.80
N LEU A 166 -24.86 -9.99 -1.57
CA LEU A 166 -24.56 -10.14 -2.99
C LEU A 166 -24.60 -8.79 -3.70
N GLY A 167 -25.53 -7.93 -3.31
CA GLY A 167 -25.58 -6.60 -3.90
C GLY A 167 -24.36 -5.77 -3.55
N LEU A 168 -23.91 -5.86 -2.30
CA LEU A 168 -22.69 -5.14 -1.90
C LEU A 168 -21.48 -5.65 -2.67
N VAL A 169 -21.35 -6.96 -2.82
CA VAL A 169 -20.24 -7.53 -3.58
C VAL A 169 -20.34 -7.12 -5.03
N ALA A 170 -21.55 -7.07 -5.58
CA ALA A 170 -21.74 -6.64 -6.96
C ALA A 170 -21.35 -5.18 -7.14
N ALA A 171 -21.67 -4.33 -6.17
CA ALA A 171 -21.25 -2.94 -6.24
C ALA A 171 -19.74 -2.80 -6.20
N LEU A 172 -19.09 -3.59 -5.34
CA LEU A 172 -17.63 -3.55 -5.28
C LEU A 172 -17.01 -4.03 -6.60
N LEU A 173 -17.58 -5.09 -7.17
CA LEU A 173 -17.11 -5.56 -8.48
C LEU A 173 -17.34 -4.51 -9.56
N MET A 174 -18.47 -3.80 -9.49
CA MET A 174 -18.73 -2.74 -10.45
C MET A 174 -17.70 -1.62 -10.34
N ALA A 175 -17.34 -1.25 -9.11
CA ALA A 175 -16.30 -0.23 -8.94
C ALA A 175 -14.97 -0.72 -9.49
N ASP A 176 -14.60 -1.96 -9.19
CA ASP A 176 -13.34 -2.50 -9.70
C ASP A 176 -13.33 -2.56 -11.23
N VAL A 177 -14.45 -2.95 -11.84
CA VAL A 177 -14.45 -3.08 -13.29
C VAL A 177 -14.54 -1.70 -13.94
N ILE A 178 -15.11 -0.71 -13.27
CA ILE A 178 -15.04 0.66 -13.77
C ILE A 178 -13.60 1.14 -13.77
N LEU A 179 -12.86 0.84 -12.70
CA LEU A 179 -11.43 1.17 -12.69
C LEU A 179 -10.70 0.46 -13.82
N LEU A 180 -11.04 -0.80 -14.06
CA LEU A 180 -10.42 -1.56 -15.14
C LEU A 180 -10.73 -0.96 -16.51
N MET A 181 -11.99 -0.59 -16.76
CA MET A 181 -12.30 0.04 -18.04
C MET A 181 -11.55 1.35 -18.20
N THR A 182 -11.47 2.15 -17.13
CA THR A 182 -10.74 3.41 -17.22
C THR A 182 -9.27 3.18 -17.55
N TRP A 183 -8.65 2.21 -16.87
CA TRP A 183 -7.24 1.92 -17.12
C TRP A 183 -7.02 1.42 -18.54
N VAL A 184 -7.87 0.53 -19.02
CA VAL A 184 -7.68 -0.05 -20.35
C VAL A 184 -7.90 1.00 -21.43
N LEU A 185 -8.98 1.78 -21.30
CA LEU A 185 -9.37 2.71 -22.36
C LEU A 185 -8.67 4.06 -22.28
N THR A 186 -7.93 4.33 -21.20
CA THR A 186 -7.17 5.57 -21.13
C THR A 186 -5.66 5.38 -21.24
N ASP A 187 -5.15 4.21 -20.86
CA ASP A 187 -3.71 3.96 -20.97
C ASP A 187 -3.43 2.46 -20.95
N PRO A 188 -3.43 1.80 -22.10
CA PRO A 188 -3.20 0.36 -22.15
C PRO A 188 -1.72 0.03 -21.99
N ILE A 189 -1.43 -1.27 -21.95
CA ILE A 189 -0.06 -1.76 -21.70
C ILE A 189 0.64 -1.83 -23.05
N GLN A 190 1.24 -0.72 -23.46
CA GLN A 190 1.97 -0.67 -24.72
C GLN A 190 3.25 -1.50 -24.62
N CYS A 191 3.32 -2.56 -25.42
CA CYS A 191 4.51 -3.41 -25.46
C CYS A 191 5.52 -2.80 -26.41
N LEU A 192 6.50 -2.10 -25.86
CA LEU A 192 7.50 -1.39 -26.63
C LEU A 192 8.89 -1.70 -26.12
N GLN A 193 9.86 -1.64 -27.03
CA GLN A 193 11.27 -1.85 -26.71
C GLN A 193 12.03 -0.58 -27.06
N ILE A 194 12.87 -0.11 -26.15
CA ILE A 194 13.60 1.13 -26.32
C ILE A 194 15.09 0.89 -26.09
N LEU A 195 15.90 1.49 -26.95
CA LEU A 195 17.35 1.52 -26.80
C LEU A 195 17.74 2.98 -26.64
N SER A 196 18.58 3.27 -25.65
CA SER A 196 18.85 4.67 -25.32
C SER A 196 20.16 4.77 -24.56
N VAL A 197 20.99 5.71 -24.98
CA VAL A 197 22.22 6.01 -24.27
C VAL A 197 21.93 7.14 -23.28
N SER A 198 22.32 6.92 -22.02
CA SER A 198 22.01 7.85 -20.93
C SER A 198 23.32 8.33 -20.32
N MET A 199 23.44 9.65 -20.17
CA MET A 199 24.66 10.26 -19.65
C MET A 199 24.36 10.78 -18.25
N THR A 200 24.51 9.89 -17.26
CA THR A 200 24.32 10.26 -15.86
C THR A 200 25.58 10.97 -15.37
N VAL A 201 25.43 12.23 -14.99
CA VAL A 201 26.55 13.04 -14.51
C VAL A 201 26.24 13.49 -13.09
N THR A 202 27.24 13.41 -12.23
CA THR A 202 27.13 13.86 -10.85
C THR A 202 27.61 15.30 -10.75
N GLY A 203 27.79 15.78 -9.52
CA GLY A 203 28.33 17.13 -9.33
C GLY A 203 29.75 17.27 -9.83
N LYS A 204 30.55 16.20 -9.72
CA LYS A 204 31.94 16.24 -10.14
C LYS A 204 32.34 15.08 -11.04
N ASP A 205 31.51 14.04 -11.18
CA ASP A 205 31.83 12.88 -11.99
C ASP A 205 30.90 12.81 -13.19
N VAL A 206 31.44 12.35 -14.32
CA VAL A 206 30.69 12.22 -15.57
C VAL A 206 30.72 10.76 -16.00
N SER A 207 29.58 10.26 -16.46
CA SER A 207 29.47 8.89 -16.91
C SER A 207 28.46 8.78 -18.02
N CYS A 208 28.64 7.78 -18.87
CA CYS A 208 27.74 7.49 -19.98
C CYS A 208 27.41 6.01 -19.99
N THR A 209 26.17 5.69 -20.33
CA THR A 209 25.69 4.33 -20.36
C THR A 209 24.90 4.08 -21.64
N SER A 210 24.87 2.82 -22.06
CA SER A 210 24.13 2.39 -23.25
C SER A 210 23.11 1.36 -22.82
N THR A 211 21.97 1.84 -22.31
CA THR A 211 20.93 0.98 -21.78
C THR A 211 19.89 0.67 -22.85
N SER A 212 19.60 -0.61 -23.05
CA SER A 212 18.59 -1.04 -24.00
C SER A 212 17.76 -2.13 -23.36
N THR A 213 16.49 -1.85 -23.11
CA THR A 213 15.59 -2.77 -22.41
C THR A 213 14.27 -2.89 -23.16
N HIS A 214 13.62 -4.04 -22.98
CA HIS A 214 12.32 -4.34 -23.57
C HIS A 214 11.37 -4.68 -22.43
N PHE A 215 10.40 -3.82 -22.18
CA PHE A 215 9.40 -4.06 -21.14
C PHE A 215 8.02 -3.75 -21.66
N CYS A 216 7.06 -4.60 -21.30
CA CYS A 216 5.64 -4.38 -21.59
C CYS A 216 5.02 -3.66 -20.41
N ALA A 217 4.97 -2.33 -20.49
CA ALA A 217 4.41 -1.53 -19.40
C ALA A 217 3.65 -0.36 -20.00
N SER A 218 2.90 0.33 -19.13
CA SER A 218 2.09 1.46 -19.53
C SER A 218 2.61 2.73 -18.87
N ARG A 219 2.43 3.85 -19.56
CA ARG A 219 2.69 5.14 -18.94
C ARG A 219 1.71 5.35 -17.80
N TYR A 220 2.12 6.14 -16.81
CA TYR A 220 1.33 6.35 -15.60
C TYR A 220 1.00 5.01 -14.93
N SER A 221 1.96 4.08 -14.98
CA SER A 221 1.74 2.77 -14.37
C SER A 221 1.57 2.89 -12.87
N ASP A 222 2.38 3.72 -12.23
CA ASP A 222 2.26 3.91 -10.79
C ASP A 222 0.92 4.55 -10.43
N VAL A 223 0.35 5.35 -11.32
CA VAL A 223 -0.98 5.91 -11.08
C VAL A 223 -2.01 4.80 -10.93
N TRP A 224 -2.02 3.87 -11.90
CA TRP A 224 -3.01 2.80 -11.88
C TRP A 224 -2.75 1.84 -10.74
N ILE A 225 -1.50 1.48 -10.51
CA ILE A 225 -1.17 0.63 -9.37
C ILE A 225 -1.62 1.29 -8.07
N ALA A 226 -1.38 2.59 -7.94
CA ALA A 226 -1.74 3.27 -6.71
C ALA A 226 -3.25 3.29 -6.53
N LEU A 227 -4.01 3.54 -7.60
CA LEU A 227 -5.46 3.57 -7.45
C LEU A 227 -6.03 2.20 -7.11
N ILE A 228 -5.63 1.16 -7.83
CA ILE A 228 -6.16 -0.18 -7.56
C ILE A 228 -5.76 -0.66 -6.17
N TRP A 229 -4.48 -0.51 -5.84
CA TRP A 229 -3.96 -0.93 -4.54
C TRP A 229 -4.53 -0.09 -3.40
N GLY A 230 -4.77 1.20 -3.61
CA GLY A 230 -5.38 2.02 -2.57
C GLY A 230 -6.83 1.64 -2.32
N CYS A 231 -7.58 1.39 -3.38
CA CYS A 231 -8.97 0.92 -3.21
C CYS A 231 -8.98 -0.41 -2.46
N LYS A 232 -8.15 -1.35 -2.89
CA LYS A 232 -8.07 -2.63 -2.18
C LYS A 232 -7.59 -2.44 -0.76
N GLY A 233 -6.71 -1.48 -0.51
CA GLY A 233 -6.22 -1.24 0.84
C GLY A 233 -7.29 -0.69 1.76
N LEU A 234 -8.12 0.23 1.25
CA LEU A 234 -9.25 0.69 2.05
C LEU A 234 -10.22 -0.45 2.32
N LEU A 235 -10.43 -1.32 1.34
CA LEU A 235 -11.25 -2.51 1.56
C LEU A 235 -10.67 -3.38 2.65
N LEU A 236 -9.35 -3.60 2.63
CA LEU A 236 -8.71 -4.45 3.63
C LEU A 236 -8.73 -3.80 5.00
N LEU A 237 -8.61 -2.48 5.07
CA LEU A 237 -8.72 -1.81 6.36
C LEU A 237 -10.10 -1.95 6.95
N TYR A 238 -11.14 -1.78 6.13
CA TYR A 238 -12.49 -2.02 6.64
C TYR A 238 -12.71 -3.49 7.00
N GLY A 239 -12.07 -4.40 6.28
CA GLY A 239 -12.18 -5.81 6.64
C GLY A 239 -11.51 -6.13 7.96
N ALA A 240 -10.36 -5.52 8.21
CA ALA A 240 -9.71 -5.67 9.51
C ALA A 240 -10.56 -5.06 10.61
N TYR A 241 -11.20 -3.93 10.34
CA TYR A 241 -12.11 -3.33 11.32
C TYR A 241 -13.27 -4.26 11.63
N LEU A 242 -13.85 -4.88 10.60
CA LEU A 242 -14.96 -5.79 10.82
C LEU A 242 -14.52 -7.06 11.54
N ALA A 243 -13.34 -7.57 11.21
CA ALA A 243 -12.79 -8.71 11.94
C ALA A 243 -12.54 -8.37 13.39
N GLY A 244 -12.15 -7.12 13.67
CA GLY A 244 -12.01 -6.70 15.06
C GLY A 244 -13.34 -6.64 15.77
N LEU A 245 -14.37 -6.09 15.10
CA LEU A 245 -15.69 -6.01 15.73
C LEU A 245 -16.25 -7.40 16.01
N THR A 246 -16.09 -8.32 15.06
CA THR A 246 -16.59 -9.69 15.20
C THR A 246 -15.50 -10.65 15.67
N GLY A 247 -14.51 -10.15 16.42
CA GLY A 247 -13.40 -11.00 16.83
C GLY A 247 -13.80 -12.08 17.82
N HIS A 248 -14.62 -11.73 18.79
CA HIS A 248 -14.99 -12.64 19.88
C HIS A 248 -16.51 -12.73 19.99
N VAL A 249 -17.18 -12.92 18.87
CA VAL A 249 -18.63 -12.82 18.81
C VAL A 249 -19.30 -14.16 18.52
N SER A 250 -18.57 -15.15 18.02
CA SER A 250 -19.17 -16.43 17.67
C SER A 250 -18.08 -17.47 17.52
N SER A 251 -18.46 -18.64 17.00
CA SER A 251 -17.53 -19.74 16.79
C SER A 251 -16.68 -19.49 15.54
N PRO A 252 -15.50 -20.10 15.47
CA PRO A 252 -14.59 -19.89 14.33
C PRO A 252 -15.22 -20.26 12.99
N PRO A 253 -16.08 -21.28 12.91
CA PRO A 253 -16.72 -21.55 11.61
C PRO A 253 -17.50 -20.39 11.04
N VAL A 254 -18.01 -19.48 11.88
CA VAL A 254 -18.72 -18.31 11.41
C VAL A 254 -18.07 -16.99 11.82
N ASN A 255 -17.06 -17.02 12.70
CA ASN A 255 -16.42 -15.78 13.14
C ASN A 255 -15.70 -15.08 11.98
N GLN A 256 -14.89 -15.83 11.25
CA GLN A 256 -14.17 -15.36 10.06
C GLN A 256 -13.21 -14.21 10.34
N SER A 257 -12.95 -13.89 11.61
CA SER A 257 -11.95 -12.86 11.91
C SER A 257 -10.54 -13.36 11.62
N LEU A 258 -10.25 -14.60 12.02
CA LEU A 258 -8.92 -15.16 11.82
C LEU A 258 -8.58 -15.24 10.34
N THR A 259 -9.51 -15.73 9.52
CA THR A 259 -9.24 -15.83 8.09
C THR A 259 -9.11 -14.46 7.46
N ILE A 260 -9.92 -13.49 7.90
CA ILE A 260 -9.80 -12.15 7.34
C ILE A 260 -8.43 -11.58 7.61
N MET A 261 -7.96 -11.68 8.86
CA MET A 261 -6.66 -11.12 9.18
C MET A 261 -5.53 -11.88 8.48
N VAL A 262 -5.58 -13.21 8.48
CA VAL A 262 -4.52 -13.96 7.81
C VAL A 262 -4.46 -13.59 6.34
N GLY A 263 -5.62 -13.53 5.69
CA GLY A 263 -5.66 -13.17 4.28
C GLY A 263 -5.18 -11.77 4.02
N VAL A 264 -5.54 -10.83 4.90
CA VAL A 264 -5.15 -9.44 4.67
C VAL A 264 -3.65 -9.25 4.79
N ASN A 265 -3.03 -9.76 5.87
CA ASN A 265 -1.58 -9.64 5.97
C ASN A 265 -0.86 -10.43 4.89
N LEU A 266 -1.33 -11.65 4.58
CA LEU A 266 -0.69 -12.41 3.51
C LEU A 266 -0.82 -11.70 2.18
N LEU A 267 -1.98 -11.09 1.92
CA LEU A 267 -2.18 -10.35 0.68
C LEU A 267 -1.25 -9.14 0.60
N VAL A 268 -1.11 -8.41 1.70
CA VAL A 268 -0.23 -7.24 1.68
C VAL A 268 1.21 -7.66 1.44
N LEU A 269 1.68 -8.67 2.17
CA LEU A 269 3.06 -9.14 2.00
C LEU A 269 3.31 -9.65 0.59
N ALA A 270 2.42 -10.52 0.09
CA ALA A 270 2.60 -11.08 -1.24
C ALA A 270 2.53 -10.01 -2.31
N ALA A 271 1.56 -9.09 -2.19
CA ALA A 271 1.41 -8.03 -3.17
C ALA A 271 2.66 -7.15 -3.23
N GLY A 272 3.15 -6.72 -2.07
CA GLY A 272 4.35 -5.90 -2.06
C GLY A 272 5.55 -6.61 -2.64
N LEU A 273 5.76 -7.87 -2.22
CA LEU A 273 6.90 -8.63 -2.68
C LEU A 273 6.85 -8.84 -4.19
N LEU A 274 5.68 -9.21 -4.71
CA LEU A 274 5.56 -9.49 -6.13
C LEU A 274 5.68 -8.22 -6.96
N PHE A 275 5.23 -7.09 -6.44
CA PHE A 275 5.41 -5.81 -7.13
C PHE A 275 6.82 -5.35 -7.19
N VAL A 276 7.57 -5.59 -6.13
CA VAL A 276 9.00 -5.26 -6.15
C VAL A 276 9.74 -6.19 -7.10
N VAL A 277 9.42 -7.49 -7.04
CA VAL A 277 10.15 -8.47 -7.85
C VAL A 277 9.89 -8.26 -9.33
N THR A 278 8.62 -8.08 -9.71
CA THR A 278 8.29 -7.87 -11.12
C THR A 278 8.78 -6.51 -11.61
N ARG A 279 9.05 -5.57 -10.72
CA ARG A 279 9.60 -4.28 -11.17
C ARG A 279 11.11 -4.35 -11.37
N TYR A 280 11.85 -4.65 -10.31
CA TYR A 280 13.31 -4.52 -10.34
C TYR A 280 14.01 -5.78 -10.82
N LEU A 281 13.28 -6.84 -11.15
CA LEU A 281 13.89 -8.08 -11.63
C LEU A 281 13.23 -8.52 -12.93
N HIS A 282 13.08 -7.59 -13.87
CA HIS A 282 12.65 -7.99 -15.20
C HIS A 282 13.86 -8.44 -16.01
N SER A 283 14.68 -9.28 -15.38
CA SER A 283 15.75 -10.00 -16.05
C SER A 283 15.89 -11.41 -15.51
N TRP A 284 15.03 -11.81 -14.57
CA TRP A 284 15.02 -13.14 -13.99
C TRP A 284 13.62 -13.71 -14.18
N PRO A 285 13.27 -14.08 -15.42
CA PRO A 285 11.89 -14.51 -15.68
C PRO A 285 11.45 -15.70 -14.84
N ASN A 286 12.34 -16.66 -14.61
CA ASN A 286 11.99 -17.82 -13.80
C ASN A 286 11.68 -17.40 -12.37
N LEU A 287 12.51 -16.51 -11.80
CA LEU A 287 12.27 -16.07 -10.42
C LEU A 287 10.94 -15.35 -10.31
N VAL A 288 10.67 -14.43 -11.24
CA VAL A 288 9.43 -13.65 -11.18
C VAL A 288 8.23 -14.58 -11.30
N PHE A 289 8.28 -15.50 -12.27
CA PHE A 289 7.13 -16.38 -12.47
C PHE A 289 6.92 -17.31 -11.28
N GLY A 290 8.00 -17.89 -10.75
CA GLY A 290 7.86 -18.74 -9.59
C GLY A 290 7.31 -18.01 -8.39
N LEU A 291 7.82 -16.80 -8.13
CA LEU A 291 7.35 -16.02 -7.00
C LEU A 291 5.89 -15.62 -7.16
N THR A 292 5.49 -15.21 -8.37
CA THR A 292 4.11 -14.80 -8.58
C THR A 292 3.15 -15.98 -8.42
N SER A 293 3.48 -17.11 -9.05
CA SER A 293 2.64 -18.30 -8.92
C SER A 293 2.57 -18.74 -7.47
N GLY A 294 3.70 -18.74 -6.76
CA GLY A 294 3.70 -19.13 -5.37
C GLY A 294 2.87 -18.22 -4.50
N GLY A 295 2.97 -16.91 -4.73
CA GLY A 295 2.19 -15.97 -3.93
C GLY A 295 0.70 -16.13 -4.14
N ILE A 296 0.28 -16.23 -5.40
CA ILE A 296 -1.15 -16.41 -5.69
C ILE A 296 -1.64 -17.72 -5.10
N PHE A 297 -0.87 -18.80 -5.29
CA PHE A 297 -1.25 -20.10 -4.75
C PHE A 297 -1.38 -20.05 -3.24
N VAL A 298 -0.39 -19.45 -2.56
CA VAL A 298 -0.40 -19.42 -1.10
C VAL A 298 -1.59 -18.62 -0.60
N CYS A 299 -1.82 -17.44 -1.16
CA CYS A 299 -2.93 -16.61 -0.68
C CYS A 299 -4.27 -17.29 -0.90
N THR A 300 -4.51 -17.77 -2.12
CA THR A 300 -5.80 -18.38 -2.43
C THR A 300 -6.04 -19.65 -1.61
N THR A 301 -5.02 -20.51 -1.53
CA THR A 301 -5.17 -21.75 -0.77
C THR A 301 -5.38 -21.46 0.71
N THR A 302 -4.65 -20.49 1.26
CA THR A 302 -4.83 -20.15 2.66
C THR A 302 -6.24 -19.67 2.93
N ILE A 303 -6.75 -18.78 2.07
CA ILE A 303 -8.10 -18.26 2.27
C ILE A 303 -9.13 -19.39 2.20
N ASN A 304 -9.06 -20.20 1.14
CA ASN A 304 -10.06 -21.24 0.97
C ASN A 304 -9.98 -22.30 2.07
N CYS A 305 -8.76 -22.66 2.48
CA CYS A 305 -8.59 -23.64 3.56
C CYS A 305 -9.14 -23.10 4.87
N PHE A 306 -8.79 -21.85 5.21
CA PHE A 306 -9.31 -21.27 6.45
C PHE A 306 -10.83 -21.21 6.42
N ILE A 307 -11.42 -20.93 5.26
CA ILE A 307 -12.87 -20.84 5.18
C ILE A 307 -13.51 -22.21 5.33
N PHE A 308 -12.96 -23.24 4.68
CA PHE A 308 -13.71 -24.47 4.49
C PHE A 308 -13.28 -25.63 5.39
N ILE A 309 -12.03 -25.66 5.87
CA ILE A 309 -11.58 -26.79 6.68
C ILE A 309 -12.39 -26.94 7.97
N PRO A 310 -12.65 -25.88 8.74
CA PRO A 310 -13.50 -26.06 9.92
C PRO A 310 -14.89 -26.57 9.57
N GLN A 311 -15.43 -26.17 8.43
CA GLN A 311 -16.73 -26.70 7.99
C GLN A 311 -16.65 -28.22 7.81
N LEU A 312 -15.60 -28.69 7.15
CA LEU A 312 -15.42 -30.12 6.96
C LEU A 312 -15.26 -30.83 8.31
N LYS A 313 -14.49 -30.23 9.22
CA LYS A 313 -14.29 -30.86 10.52
C LYS A 313 -15.60 -31.00 11.28
N GLN A 314 -16.42 -29.94 11.27
CA GLN A 314 -17.67 -30.00 12.02
C GLN A 314 -18.70 -30.89 11.34
N TRP A 315 -18.71 -30.93 10.01
CA TRP A 315 -19.58 -31.88 9.31
C TRP A 315 -19.21 -33.31 9.63
N LYS A 316 -17.91 -33.62 9.62
CA LYS A 316 -17.45 -34.96 9.97
C LYS A 316 -17.79 -35.28 11.42
N ALA A 317 -17.68 -34.29 12.31
CA ALA A 317 -18.08 -34.49 13.69
C ALA A 317 -19.58 -34.73 13.79
N PHE A 318 -20.36 -34.20 12.85
CA PHE A 318 -21.80 -34.47 12.83
C PHE A 318 -22.07 -35.92 12.45
N GLU A 319 -21.46 -36.40 11.37
CA GLU A 319 -21.62 -37.77 10.93
C GLU A 319 -20.47 -38.22 10.04
N ARG B 22 26.27 -1.31 -31.67
CA ARG B 22 27.62 -0.93 -32.08
C ARG B 22 27.67 0.41 -32.85
N PRO B 23 26.84 0.59 -33.89
CA PRO B 23 26.86 1.89 -34.59
C PRO B 23 26.49 3.07 -33.71
N LEU B 24 25.58 2.86 -32.76
CA LEU B 24 25.20 3.95 -31.85
C LEU B 24 26.29 4.23 -30.82
N HIS B 25 27.03 3.19 -30.40
CA HIS B 25 28.16 3.33 -29.49
C HIS B 25 29.07 4.51 -29.78
N ASP B 26 29.59 4.58 -31.02
CA ASP B 26 30.46 5.69 -31.41
C ASP B 26 29.76 7.04 -31.31
N LEU B 27 28.50 7.10 -31.75
CA LEU B 27 27.77 8.37 -31.67
C LEU B 27 27.62 8.82 -30.23
N CYS B 28 27.31 7.88 -29.33
CA CYS B 28 27.14 8.23 -27.92
C CYS B 28 28.47 8.66 -27.32
N LYS B 29 29.57 8.01 -27.71
CA LYS B 29 30.88 8.43 -27.21
C LYS B 29 31.19 9.85 -27.67
N THR B 30 30.91 10.15 -28.94
CA THR B 30 31.16 11.50 -29.44
C THR B 30 30.30 12.52 -28.72
N THR B 31 29.05 12.17 -28.43
CA THR B 31 28.14 13.06 -27.72
C THR B 31 28.64 13.35 -26.31
N ILE B 32 29.14 12.33 -25.61
CA ILE B 32 29.66 12.53 -24.26
C ILE B 32 30.83 13.50 -24.28
N THR B 33 31.70 13.38 -25.27
CA THR B 33 32.80 14.34 -25.39
C THR B 33 32.26 15.72 -25.74
N SER B 34 31.21 15.77 -26.53
CA SER B 34 30.59 17.06 -26.86
C SER B 34 29.80 17.62 -25.68
N SER B 35 30.11 17.17 -24.47
CA SER B 35 29.38 17.63 -23.28
C SER B 35 29.60 19.11 -22.99
N HIS B 36 30.86 19.56 -23.02
CA HIS B 36 31.16 20.97 -22.79
C HIS B 36 30.58 21.51 -21.47
N HIS B 37 30.72 20.75 -20.39
CA HIS B 37 30.23 21.21 -19.09
C HIS B 37 28.71 21.17 -19.00
N SER B 38 28.04 21.26 -20.13
CA SER B 38 26.58 21.19 -20.16
C SER B 38 25.97 22.35 -19.39
N SER B 39 24.89 22.09 -18.66
CA SER B 39 24.21 23.14 -17.90
C SER B 39 23.32 22.49 -16.85
N LYS B 40 22.88 23.32 -15.90
CA LYS B 40 21.98 22.90 -14.84
C LYS B 40 20.83 23.89 -14.74
N THR B 41 19.68 23.40 -14.25
CA THR B 41 18.47 24.20 -14.14
C THR B 41 17.98 24.20 -12.70
N ILE B 42 17.68 25.40 -12.19
CA ILE B 42 17.14 25.57 -10.85
C ILE B 42 16.04 26.62 -10.90
N SER B 43 15.15 26.56 -9.91
CA SER B 43 14.03 27.48 -9.84
C SER B 43 13.58 27.62 -8.39
N SER B 44 12.78 28.65 -8.14
CA SER B 44 12.23 28.92 -6.82
C SER B 44 10.72 29.01 -6.89
N LEU B 45 10.06 28.61 -5.80
CA LEU B 45 8.62 28.69 -5.71
C LEU B 45 8.17 30.14 -5.55
N SER B 46 6.88 30.36 -5.83
CA SER B 46 6.30 31.69 -5.64
C SER B 46 6.28 32.03 -4.16
N PRO B 47 6.70 33.24 -3.75
CA PRO B 47 6.74 33.56 -2.32
C PRO B 47 5.37 33.94 -1.77
N VAL B 48 4.35 33.18 -2.15
CA VAL B 48 3.01 33.29 -1.58
C VAL B 48 2.53 31.95 -1.05
N LEU B 49 2.72 30.89 -1.84
CA LEU B 49 2.43 29.54 -1.36
C LEU B 49 3.30 29.18 -0.17
N LEU B 50 4.57 29.60 -0.20
CA LEU B 50 5.44 29.41 0.96
C LEU B 50 4.85 30.09 2.19
N GLY B 51 4.37 31.32 2.04
CA GLY B 51 3.81 32.03 3.18
C GLY B 51 2.55 31.38 3.72
N ILE B 52 1.67 30.95 2.81
CA ILE B 52 0.43 30.28 3.24
C ILE B 52 0.75 28.98 3.97
N VAL B 53 1.67 28.19 3.40
CA VAL B 53 2.06 26.93 4.04
C VAL B 53 2.65 27.20 5.41
N TRP B 54 3.56 28.18 5.50
CA TRP B 54 4.21 28.47 6.77
C TRP B 54 3.21 28.92 7.81
N THR B 55 2.27 29.79 7.45
CA THR B 55 1.31 30.27 8.44
C THR B 55 0.35 29.17 8.88
N PHE B 56 -0.04 28.28 7.95
CA PHE B 56 -0.97 27.23 8.35
C PHE B 56 -0.29 26.21 9.23
N LEU B 57 0.95 25.84 8.92
CA LEU B 57 1.67 24.93 9.80
C LEU B 57 2.03 25.61 11.11
N SER B 58 2.20 26.93 11.11
CA SER B 58 2.43 27.65 12.36
C SER B 58 1.19 27.59 13.26
N CYS B 59 0.00 27.76 12.67
CA CYS B 59 -1.22 27.61 13.45
C CYS B 59 -1.35 26.19 13.97
N GLY B 60 -1.01 25.20 13.14
CA GLY B 60 -1.03 23.82 13.60
C GLY B 60 -0.08 23.58 14.76
N LEU B 61 1.14 24.10 14.68
CA LEU B 61 2.10 23.95 15.76
C LEU B 61 1.66 24.69 17.02
N LEU B 62 1.01 25.84 16.86
CA LEU B 62 0.43 26.52 18.02
C LEU B 62 -0.61 25.64 18.69
N LEU B 63 -1.45 24.98 17.89
CA LEU B 63 -2.45 24.07 18.45
C LEU B 63 -1.78 22.90 19.17
N ILE B 64 -0.73 22.34 18.58
CA ILE B 64 -0.04 21.20 19.18
C ILE B 64 0.62 21.60 20.49
N LEU B 65 1.27 22.76 20.51
CA LEU B 65 1.87 23.26 21.74
C LEU B 65 0.81 23.59 22.79
N PHE B 66 -0.36 24.04 22.36
CA PHE B 66 -1.46 24.26 23.29
C PHE B 66 -1.88 22.95 23.94
N PHE B 67 -2.01 21.88 23.16
CA PHE B 67 -2.38 20.60 23.74
C PHE B 67 -1.28 20.06 24.64
N LEU B 68 -0.03 20.25 24.24
CA LEU B 68 1.12 19.91 25.09
C LEU B 68 1.01 20.59 26.45
N ALA B 69 0.80 21.91 26.44
CA ALA B 69 0.70 22.65 27.69
C ALA B 69 -0.51 22.21 28.50
N PHE B 70 -1.62 21.93 27.83
CA PHE B 70 -2.83 21.49 28.53
C PHE B 70 -2.57 20.18 29.26
N THR B 71 -1.93 19.21 28.58
CA THR B 71 -1.64 17.94 29.21
C THR B 71 -0.63 18.09 30.34
N ILE B 72 0.40 18.91 30.14
CA ILE B 72 1.41 19.11 31.18
C ILE B 72 0.81 19.78 32.39
N HIS B 73 -0.14 20.69 32.18
CA HIS B 73 -0.67 21.52 33.24
C HIS B 73 -1.84 20.86 33.98
N CYS B 74 -2.57 19.97 33.31
CA CYS B 74 -3.74 19.34 33.89
C CYS B 74 -3.64 17.82 33.83
N ARG B 75 -2.48 17.28 34.16
CA ARG B 75 -2.33 15.82 34.23
C ARG B 75 -2.66 15.30 35.63
N LYS B 76 -3.78 15.81 36.15
CA LYS B 76 -4.31 15.34 37.43
C LYS B 76 -5.82 15.22 37.44
N ASN B 77 -6.49 15.49 36.33
CA ASN B 77 -7.93 15.38 36.24
C ASN B 77 -8.32 13.95 35.87
N ARG B 78 -9.57 13.60 36.19
CA ARG B 78 -10.04 12.24 35.91
C ARG B 78 -9.98 11.93 34.42
N ILE B 79 -10.46 12.85 33.60
CA ILE B 79 -10.49 12.61 32.15
C ILE B 79 -9.08 12.53 31.59
N VAL B 80 -8.22 13.47 31.98
CA VAL B 80 -6.87 13.50 31.43
C VAL B 80 -6.08 12.27 31.87
N LYS B 81 -6.19 11.91 33.15
CA LYS B 81 -5.50 10.72 33.64
C LYS B 81 -6.02 9.46 32.95
N MET B 82 -7.30 9.41 32.66
CA MET B 82 -7.88 8.28 31.98
C MET B 82 -7.50 8.23 30.55
N SER B 83 -7.13 9.35 30.02
CA SER B 83 -6.75 9.43 28.62
C SER B 83 -5.26 9.21 28.39
N SER B 84 -4.53 8.68 29.38
CA SER B 84 -3.11 8.36 29.27
C SER B 84 -2.28 9.56 28.84
N PRO B 85 -2.03 10.53 29.73
CA PRO B 85 -1.32 11.74 29.33
C PRO B 85 0.06 11.51 28.76
N ASN B 86 0.76 10.46 29.20
CA ASN B 86 2.11 10.19 28.70
C ASN B 86 2.08 9.77 27.24
N LEU B 87 1.15 8.89 26.86
CA LEU B 87 1.05 8.49 25.47
C LEU B 87 0.65 9.69 24.61
N ASN B 88 -0.17 10.58 25.16
CA ASN B 88 -0.59 11.77 24.43
C ASN B 88 0.58 12.73 24.22
N ILE B 89 1.47 12.85 25.22
CA ILE B 89 2.61 13.74 25.02
C ILE B 89 3.59 13.12 24.03
N VAL B 90 3.70 11.79 24.01
CA VAL B 90 4.49 11.14 22.97
C VAL B 90 3.91 11.42 21.59
N THR B 91 2.58 11.34 21.47
CA THR B 91 1.93 11.64 20.21
C THR B 91 2.16 13.09 19.80
N LEU B 92 2.14 14.01 20.77
CA LEU B 92 2.39 15.41 20.49
C LEU B 92 3.81 15.64 19.99
N LEU B 93 4.79 14.93 20.57
CA LEU B 93 6.15 15.02 20.07
C LEU B 93 6.24 14.50 18.63
N GLY B 94 5.54 13.40 18.34
CA GLY B 94 5.48 12.92 16.97
C GLY B 94 4.88 13.93 16.02
N SER B 95 3.83 14.62 16.46
CA SER B 95 3.21 15.65 15.64
C SER B 95 4.17 16.81 15.40
N CYS B 96 4.95 17.19 16.41
CA CYS B 96 5.93 18.25 16.23
C CYS B 96 6.98 17.85 15.20
N LEU B 97 7.42 16.58 15.25
CA LEU B 97 8.34 16.09 14.22
C LEU B 97 7.69 16.15 12.84
N THR B 98 6.42 15.78 12.75
CA THR B 98 5.74 15.79 11.45
C THR B 98 5.65 17.19 10.87
N TYR B 99 5.30 18.18 11.69
CA TYR B 99 5.29 19.56 11.19
C TYR B 99 6.69 20.09 10.89
N SER B 100 7.70 19.63 11.61
CA SER B 100 9.06 20.00 11.24
C SER B 100 9.41 19.48 9.84
N SER B 101 9.02 18.23 9.56
CA SER B 101 9.20 17.70 8.21
C SER B 101 8.41 18.51 7.19
N ALA B 102 7.20 18.94 7.55
CA ALA B 102 6.39 19.76 6.66
C ALA B 102 7.10 21.06 6.34
N TYR B 103 7.71 21.69 7.34
CA TYR B 103 8.53 22.88 7.10
C TYR B 103 9.66 22.55 6.12
N LEU B 104 10.36 21.44 6.34
CA LEU B 104 11.48 21.11 5.45
C LEU B 104 11.03 20.83 4.01
N PHE B 105 9.77 20.46 3.78
CA PHE B 105 9.30 20.39 2.39
C PHE B 105 9.36 21.73 1.67
N GLY B 106 9.33 22.84 2.40
CA GLY B 106 9.34 24.15 1.79
C GLY B 106 10.69 24.84 1.77
N ILE B 107 11.71 24.22 2.35
CA ILE B 107 13.06 24.76 2.32
C ILE B 107 13.79 24.16 1.12
N GLN B 108 13.05 23.46 0.27
CA GLN B 108 13.64 22.85 -0.91
C GLN B 108 14.06 23.92 -1.91
N ASP B 109 14.93 23.51 -2.83
CA ASP B 109 15.50 24.41 -3.85
C ASP B 109 16.21 25.61 -3.20
N VAL B 110 16.81 25.40 -2.03
CA VAL B 110 17.58 26.42 -1.33
C VAL B 110 19.02 25.96 -1.11
N LEU B 111 19.19 24.72 -0.64
CA LEU B 111 20.51 24.14 -0.46
C LEU B 111 20.97 23.59 -1.80
N VAL B 112 21.62 24.45 -2.58
CA VAL B 112 22.02 24.07 -3.93
C VAL B 112 23.09 22.99 -3.90
N GLY B 113 23.98 23.04 -2.91
CA GLY B 113 25.08 22.10 -2.83
C GLY B 113 24.69 20.68 -2.46
N SER B 114 25.64 19.94 -1.88
CA SER B 114 25.41 18.55 -1.52
C SER B 114 24.38 18.40 -0.41
N SER B 115 24.01 19.48 0.27
CA SER B 115 23.03 19.41 1.35
C SER B 115 21.64 19.07 0.87
N MET B 116 21.39 19.13 -0.45
CA MET B 116 20.07 18.77 -0.96
C MET B 116 19.75 17.30 -0.69
N GLU B 117 20.72 16.41 -0.91
CA GLU B 117 20.52 15.01 -0.60
C GLU B 117 20.29 14.81 0.89
N THR B 118 21.09 15.47 1.72
CA THR B 118 20.87 15.41 3.17
C THR B 118 19.52 16.01 3.54
N LEU B 119 19.09 17.04 2.81
CA LEU B 119 17.79 17.64 3.08
C LEU B 119 16.67 16.63 2.85
N ILE B 120 16.67 15.99 1.69
CA ILE B 120 15.64 14.99 1.39
C ILE B 120 15.70 13.84 2.38
N GLN B 121 16.92 13.37 2.69
CA GLN B 121 17.07 12.25 3.61
C GLN B 121 16.49 12.58 4.97
N THR B 122 16.87 13.73 5.53
CA THR B 122 16.38 14.13 6.85
C THR B 122 14.87 14.35 6.82
N ARG B 123 14.36 14.95 5.75
CA ARG B 123 12.94 15.21 5.62
C ARG B 123 12.13 13.91 5.64
N LEU B 124 12.52 12.94 4.82
CA LEU B 124 11.81 11.66 4.80
C LEU B 124 11.99 10.90 6.11
N SER B 125 13.18 11.01 6.72
CA SER B 125 13.41 10.34 7.99
C SER B 125 12.50 10.88 9.08
N MET B 126 12.31 12.21 9.10
CA MET B 126 11.40 12.77 10.10
C MET B 126 9.97 12.42 9.78
N LEU B 127 9.61 12.31 8.50
CA LEU B 127 8.28 11.81 8.17
C LEU B 127 8.04 10.42 8.78
N CYS B 128 8.99 9.51 8.57
CA CYS B 128 8.82 8.15 9.08
C CYS B 128 8.78 8.13 10.61
N ILE B 129 9.70 8.85 11.25
CA ILE B 129 9.76 8.87 12.70
C ILE B 129 8.49 9.49 13.29
N GLY B 130 8.00 10.57 12.67
CA GLY B 130 6.79 11.20 13.16
C GLY B 130 5.56 10.34 12.99
N THR B 131 5.44 9.67 11.84
CA THR B 131 4.30 8.76 11.65
C THR B 131 4.34 7.63 12.67
N SER B 132 5.51 7.05 12.91
CA SER B 132 5.62 6.00 13.91
C SER B 132 5.26 6.51 15.30
N LEU B 133 5.76 7.69 15.66
CA LEU B 133 5.52 8.25 16.99
C LEU B 133 4.09 8.72 17.17
N VAL B 134 3.37 9.00 16.09
CA VAL B 134 1.96 9.36 16.21
C VAL B 134 1.08 8.12 16.29
N PHE B 135 1.34 7.12 15.46
CA PHE B 135 0.46 5.97 15.36
C PHE B 135 0.86 4.80 16.25
N GLY B 136 1.92 4.93 17.05
CA GLY B 136 2.24 3.92 18.03
C GLY B 136 1.45 4.05 19.32
N PRO B 137 1.50 5.24 19.94
CA PRO B 137 0.82 5.42 21.23
C PRO B 137 -0.67 5.15 21.19
N ILE B 138 -1.35 5.49 20.08
CA ILE B 138 -2.78 5.24 20.01
C ILE B 138 -3.06 3.75 20.04
N LEU B 139 -2.28 2.98 19.28
CA LEU B 139 -2.45 1.53 19.28
C LEU B 139 -2.10 0.94 20.64
N GLY B 140 -1.10 1.49 21.31
CA GLY B 140 -0.79 1.04 22.66
C GLY B 140 -1.95 1.27 23.62
N LYS B 141 -2.54 2.46 23.57
CA LYS B 141 -3.69 2.75 24.41
C LYS B 141 -4.85 1.82 24.11
N SER B 142 -5.12 1.56 22.83
CA SER B 142 -6.21 0.67 22.46
C SER B 142 -5.94 -0.75 22.93
N TRP B 143 -4.69 -1.21 22.83
CA TRP B 143 -4.35 -2.55 23.31
C TRP B 143 -4.52 -2.64 24.82
N ARG B 144 -4.08 -1.67 25.59
CA ARG B 144 -4.39 -1.77 27.02
C ARG B 144 -5.89 -1.84 27.20
N LEU B 145 -6.61 -0.88 26.63
CA LEU B 145 -8.05 -0.92 26.88
C LEU B 145 -8.63 -2.30 26.60
N TYR B 146 -8.22 -2.91 25.49
CA TYR B 146 -8.70 -4.24 25.15
C TYR B 146 -8.34 -5.24 26.24
N LYS B 147 -7.08 -5.23 26.68
CA LYS B 147 -6.66 -6.20 27.69
C LYS B 147 -7.29 -5.92 29.04
N VAL B 148 -7.73 -4.74 29.36
CA VAL B 148 -8.34 -4.54 30.65
C VAL B 148 -9.83 -4.71 30.65
N PHE B 149 -10.44 -4.69 29.49
CA PHE B 149 -11.83 -4.93 29.44
C PHE B 149 -12.10 -6.30 28.85
N THR B 150 -11.07 -7.12 28.66
CA THR B 150 -11.35 -8.49 28.24
C THR B 150 -10.68 -9.55 29.11
N GLN B 151 -9.84 -9.18 30.07
CA GLN B 151 -9.18 -10.14 30.94
C GLN B 151 -9.95 -10.22 32.25
N ARG B 152 -11.08 -10.93 32.20
CA ARG B 152 -11.86 -11.25 33.38
C ARG B 152 -11.46 -12.59 33.98
N VAL B 153 -10.36 -13.18 33.51
CA VAL B 153 -9.87 -14.48 33.98
C VAL B 153 -9.51 -14.38 35.46
N PRO B 154 -9.49 -15.51 36.19
CA PRO B 154 -9.08 -15.45 37.61
C PRO B 154 -7.70 -14.86 37.80
N ASP B 155 -6.80 -15.05 36.84
CA ASP B 155 -5.49 -14.40 36.87
C ASP B 155 -5.71 -12.93 36.48
N LYS B 156 -6.10 -12.15 37.49
CA LYS B 156 -6.47 -10.75 37.28
C LYS B 156 -5.33 -9.97 36.64
N ARG B 157 -5.66 -9.18 35.61
CA ARG B 157 -4.72 -8.23 35.03
C ARG B 157 -4.59 -7.07 36.01
N VAL B 158 -3.73 -7.27 37.01
CA VAL B 158 -3.63 -6.31 38.11
C VAL B 158 -3.27 -4.93 37.58
N ILE B 159 -2.09 -4.81 36.97
CA ILE B 159 -1.65 -3.56 36.36
C ILE B 159 -0.81 -3.89 35.13
N ILE B 160 -1.21 -3.34 33.99
CA ILE B 160 -0.41 -3.37 32.77
C ILE B 160 0.23 -1.99 32.65
N LYS B 161 1.51 -1.92 33.01
CA LYS B 161 2.16 -0.64 33.26
C LYS B 161 2.26 0.19 31.98
N ASP B 162 2.39 1.50 32.17
CA ASP B 162 2.66 2.40 31.07
C ASP B 162 4.00 2.11 30.42
N LEU B 163 4.96 1.60 31.20
CA LEU B 163 6.29 1.33 30.67
C LEU B 163 6.26 0.24 29.61
N GLN B 164 5.27 -0.65 29.64
CA GLN B 164 5.18 -1.67 28.59
C GLN B 164 4.74 -1.06 27.27
N LEU B 165 3.75 -0.17 27.29
CA LEU B 165 3.35 0.51 26.07
C LEU B 165 4.49 1.35 25.52
N LEU B 166 5.22 2.05 26.40
CA LEU B 166 6.41 2.75 25.94
C LEU B 166 7.43 1.79 25.37
N GLY B 167 7.53 0.58 25.91
CA GLY B 167 8.44 -0.39 25.36
C GLY B 167 8.08 -0.80 23.95
N LEU B 168 6.78 -1.06 23.71
CA LEU B 168 6.34 -1.40 22.36
C LEU B 168 6.58 -0.25 21.39
N VAL B 169 6.27 0.98 21.81
CA VAL B 169 6.49 2.12 20.93
C VAL B 169 7.97 2.27 20.62
N ALA B 170 8.83 2.08 21.63
CA ALA B 170 10.27 2.17 21.43
C ALA B 170 10.76 1.09 20.50
N ALA B 171 10.23 -0.12 20.63
CA ALA B 171 10.62 -1.22 19.74
C ALA B 171 10.25 -0.91 18.30
N LEU B 172 9.05 -0.37 18.08
CA LEU B 172 8.64 -0.03 16.72
C LEU B 172 9.51 1.10 16.17
N LEU B 173 9.83 2.08 17.00
CA LEU B 173 10.74 3.15 16.58
C LEU B 173 12.11 2.58 16.21
N MET B 174 12.61 1.64 17.00
CA MET B 174 13.89 1.02 16.70
C MET B 174 13.85 0.27 15.38
N ALA B 175 12.73 -0.41 15.10
CA ALA B 175 12.59 -1.08 13.81
C ALA B 175 12.62 -0.07 12.67
N ASP B 176 11.93 1.06 12.85
CA ASP B 176 11.96 2.09 11.83
C ASP B 176 13.37 2.66 11.64
N VAL B 177 14.11 2.83 12.73
CA VAL B 177 15.48 3.33 12.61
C VAL B 177 16.36 2.31 11.91
N ILE B 178 16.15 1.01 12.15
CA ILE B 178 16.93 0.01 11.43
C ILE B 178 16.65 0.08 9.94
N LEU B 179 15.37 0.22 9.58
CA LEU B 179 15.02 0.35 8.16
C LEU B 179 15.64 1.61 7.55
N LEU B 180 15.58 2.72 8.27
CA LEU B 180 16.14 3.97 7.75
C LEU B 180 17.66 3.89 7.60
N MET B 181 18.34 3.27 8.57
CA MET B 181 19.78 3.11 8.47
C MET B 181 20.15 2.21 7.30
N THR B 182 19.40 1.13 7.09
CA THR B 182 19.65 0.28 5.94
C THR B 182 19.45 1.04 4.63
N TRP B 183 18.39 1.85 4.55
CA TRP B 183 18.18 2.64 3.34
C TRP B 183 19.30 3.64 3.10
N VAL B 184 19.73 4.34 4.16
CA VAL B 184 20.75 5.37 3.99
C VAL B 184 22.09 4.75 3.62
N LEU B 185 22.48 3.67 4.30
CA LEU B 185 23.81 3.10 4.12
C LEU B 185 23.86 2.00 3.07
N THR B 186 22.75 1.69 2.42
CA THR B 186 22.73 0.70 1.35
C THR B 186 22.48 1.32 -0.02
N ASP B 187 21.43 2.11 -0.16
CA ASP B 187 21.13 2.83 -1.40
C ASP B 187 20.61 4.20 -1.04
N PRO B 188 21.49 5.18 -0.88
CA PRO B 188 21.07 6.51 -0.43
C PRO B 188 20.51 7.32 -1.59
N ILE B 189 20.16 8.57 -1.29
CA ILE B 189 19.61 9.48 -2.29
C ILE B 189 20.76 10.27 -2.89
N GLN B 190 21.09 9.97 -4.14
CA GLN B 190 22.08 10.73 -4.89
C GLN B 190 21.36 11.58 -5.91
N CYS B 191 21.69 12.88 -5.95
CA CYS B 191 21.09 13.80 -6.89
C CYS B 191 21.84 13.72 -8.20
N LEU B 192 21.13 13.40 -9.28
CA LEU B 192 21.73 13.24 -10.59
C LEU B 192 20.92 14.01 -11.62
N GLN B 193 21.63 14.64 -12.56
CA GLN B 193 21.02 15.24 -13.73
C GLN B 193 21.34 14.37 -14.93
N ILE B 194 20.30 13.96 -15.66
CA ILE B 194 20.43 13.02 -16.77
C ILE B 194 19.75 13.61 -17.99
N LEU B 195 20.51 13.75 -19.07
CA LEU B 195 19.97 14.08 -20.38
C LEU B 195 20.33 12.97 -21.34
N SER B 196 19.35 12.50 -22.10
CA SER B 196 19.53 11.31 -22.91
C SER B 196 18.57 11.35 -24.09
N VAL B 197 18.87 10.54 -25.10
CA VAL B 197 18.03 10.38 -26.26
C VAL B 197 17.56 8.93 -26.33
N SER B 198 16.24 8.74 -26.43
CA SER B 198 15.63 7.43 -26.41
C SER B 198 14.85 7.22 -27.69
N MET B 199 15.06 6.07 -28.33
CA MET B 199 14.35 5.72 -29.56
C MET B 199 13.35 4.62 -29.24
N THR B 200 12.06 4.95 -29.32
CA THR B 200 11.01 4.01 -29.00
C THR B 200 10.54 3.32 -30.27
N VAL B 201 10.52 1.98 -30.23
CA VAL B 201 10.06 1.17 -31.35
C VAL B 201 8.99 0.24 -30.80
N THR B 202 7.75 0.41 -31.26
CA THR B 202 6.64 -0.43 -30.84
C THR B 202 6.40 -1.62 -31.76
N GLY B 203 7.25 -1.81 -32.76
CA GLY B 203 7.09 -2.88 -33.73
C GLY B 203 6.44 -2.45 -35.03
N LYS B 204 5.87 -1.23 -35.07
CA LYS B 204 5.27 -0.70 -36.29
C LYS B 204 5.73 0.69 -36.65
N ASP B 205 6.27 1.46 -35.71
CA ASP B 205 6.74 2.82 -35.98
C ASP B 205 8.00 3.07 -35.17
N VAL B 206 8.79 4.04 -35.65
CA VAL B 206 10.04 4.44 -35.02
C VAL B 206 9.92 5.89 -34.58
N SER B 207 10.24 6.14 -33.31
CA SER B 207 10.18 7.49 -32.75
C SER B 207 11.45 7.78 -31.97
N CYS B 208 11.87 9.04 -32.00
CA CYS B 208 13.06 9.49 -31.30
C CYS B 208 12.68 10.67 -30.41
N THR B 209 13.26 10.69 -29.20
CA THR B 209 12.97 11.76 -28.26
C THR B 209 14.23 12.10 -27.47
N SER B 210 14.40 13.38 -27.18
CA SER B 210 15.53 13.88 -26.39
C SER B 210 14.97 14.55 -25.15
N THR B 211 15.37 14.07 -23.97
CA THR B 211 14.87 14.58 -22.71
C THR B 211 16.03 14.89 -21.77
N SER B 212 15.99 16.06 -21.16
CA SER B 212 16.95 16.49 -20.15
C SER B 212 16.19 16.67 -18.84
N THR B 213 16.30 15.69 -17.95
CA THR B 213 15.55 15.68 -16.70
C THR B 213 16.50 15.65 -15.51
N HIS B 214 16.07 16.26 -14.42
CA HIS B 214 16.82 16.28 -13.17
C HIS B 214 15.92 15.82 -12.05
N PHE B 215 16.41 14.86 -11.25
CA PHE B 215 15.67 14.37 -10.11
C PHE B 215 16.64 13.78 -9.11
N CYS B 216 16.26 13.84 -7.83
CA CYS B 216 17.03 13.23 -6.76
C CYS B 216 16.28 12.00 -6.27
N ALA B 217 16.89 10.83 -6.46
CA ALA B 217 16.25 9.58 -6.10
C ALA B 217 17.32 8.53 -5.90
N SER B 218 16.89 7.36 -5.43
CA SER B 218 17.78 6.22 -5.27
C SER B 218 17.62 5.27 -6.46
N ARG B 219 18.59 4.37 -6.59
CA ARG B 219 18.53 3.38 -7.67
C ARG B 219 17.50 2.30 -7.40
N TYR B 220 17.08 2.14 -6.14
CA TYR B 220 16.10 1.14 -5.74
C TYR B 220 14.97 1.79 -4.96
N SER B 221 14.44 2.89 -5.52
CA SER B 221 13.47 3.70 -4.79
C SER B 221 12.22 2.91 -4.43
N ASP B 222 11.70 2.14 -5.38
CA ASP B 222 10.46 1.40 -5.11
C ASP B 222 10.68 0.32 -4.08
N VAL B 223 11.89 -0.26 -4.00
CA VAL B 223 12.17 -1.25 -2.96
C VAL B 223 11.99 -0.64 -1.59
N TRP B 224 12.62 0.51 -1.35
CA TRP B 224 12.56 1.13 -0.03
C TRP B 224 11.17 1.67 0.28
N ILE B 225 10.53 2.30 -0.70
CA ILE B 225 9.16 2.78 -0.50
C ILE B 225 8.24 1.62 -0.14
N ALA B 226 8.34 0.53 -0.90
CA ALA B 226 7.49 -0.62 -0.66
C ALA B 226 7.75 -1.21 0.72
N LEU B 227 9.01 -1.33 1.12
CA LEU B 227 9.31 -1.94 2.41
C LEU B 227 8.79 -1.07 3.56
N ILE B 228 9.07 0.23 3.52
CA ILE B 228 8.64 1.11 4.60
C ILE B 228 7.12 1.19 4.66
N TRP B 229 6.48 1.42 3.51
CA TRP B 229 5.03 1.54 3.48
C TRP B 229 4.35 0.21 3.78
N GLY B 230 4.98 -0.91 3.49
CA GLY B 230 4.41 -2.19 3.84
C GLY B 230 4.47 -2.47 5.34
N CYS B 231 5.60 -2.13 5.97
CA CYS B 231 5.66 -2.23 7.42
C CYS B 231 4.63 -1.32 8.08
N LYS B 232 4.52 -0.09 7.60
CA LYS B 232 3.50 0.82 8.11
C LYS B 232 2.09 0.31 7.82
N GLY B 233 1.91 -0.37 6.68
CA GLY B 233 0.60 -0.93 6.36
C GLY B 233 0.21 -2.07 7.28
N LEU B 234 1.16 -2.92 7.63
CA LEU B 234 0.88 -3.97 8.61
C LEU B 234 0.54 -3.35 9.96
N LEU B 235 1.26 -2.30 10.34
CA LEU B 235 0.91 -1.58 11.56
C LEU B 235 -0.52 -1.03 11.50
N LEU B 236 -0.89 -0.42 10.37
CA LEU B 236 -2.22 0.16 10.23
C LEU B 236 -3.30 -0.91 10.25
N LEU B 237 -3.03 -2.07 9.64
CA LEU B 237 -3.99 -3.15 9.67
C LEU B 237 -4.20 -3.68 11.08
N TYR B 238 -3.11 -3.83 11.85
CA TYR B 238 -3.28 -4.23 13.24
C TYR B 238 -3.98 -3.15 14.06
N GLY B 239 -3.75 -1.88 13.72
CA GLY B 239 -4.46 -0.82 14.39
C GLY B 239 -5.95 -0.82 14.09
N ALA B 240 -6.31 -1.10 12.84
CA ALA B 240 -7.72 -1.24 12.50
C ALA B 240 -8.35 -2.42 13.21
N TYR B 241 -7.62 -3.53 13.32
CA TYR B 241 -8.12 -4.67 14.09
C TYR B 241 -8.33 -4.30 15.55
N LEU B 242 -7.38 -3.56 16.14
CA LEU B 242 -7.52 -3.18 17.55
C LEU B 242 -8.67 -2.19 17.75
N ALA B 243 -8.86 -1.27 16.80
CA ALA B 243 -10.02 -0.40 16.83
C ALA B 243 -11.31 -1.20 16.70
N GLY B 244 -11.29 -2.29 15.94
CA GLY B 244 -12.45 -3.14 15.87
C GLY B 244 -12.77 -3.83 17.18
N LEU B 245 -11.74 -4.35 17.85
CA LEU B 245 -11.97 -5.01 19.13
C LEU B 245 -12.54 -4.05 20.16
N THR B 246 -11.97 -2.85 20.25
CA THR B 246 -12.36 -1.86 21.25
C THR B 246 -13.42 -0.89 20.75
N GLY B 247 -14.09 -1.22 19.64
CA GLY B 247 -14.98 -0.26 19.01
C GLY B 247 -16.15 0.15 19.89
N HIS B 248 -16.74 -0.80 20.60
CA HIS B 248 -17.91 -0.51 21.42
C HIS B 248 -17.66 -0.94 22.86
N VAL B 249 -16.51 -0.55 23.41
CA VAL B 249 -16.08 -1.04 24.71
C VAL B 249 -16.06 0.05 25.77
N SER B 250 -15.82 1.31 25.40
CA SER B 250 -15.68 2.35 26.42
C SER B 250 -16.24 3.65 25.87
N SER B 251 -15.98 4.73 26.61
CA SER B 251 -16.46 6.06 26.26
C SER B 251 -15.65 6.61 25.08
N PRO B 252 -16.14 7.59 24.36
CA PRO B 252 -15.22 8.05 23.30
C PRO B 252 -13.91 8.59 23.81
N PRO B 253 -13.89 9.41 24.87
CA PRO B 253 -12.66 10.04 25.33
C PRO B 253 -11.57 9.06 25.63
N VAL B 254 -11.83 7.76 25.51
CA VAL B 254 -10.89 6.69 25.83
C VAL B 254 -10.89 5.60 24.77
N ASN B 255 -11.97 5.44 24.01
CA ASN B 255 -12.08 4.35 23.04
C ASN B 255 -11.00 4.42 21.98
N GLN B 256 -10.87 5.58 21.33
CA GLN B 256 -9.86 5.87 20.32
C GLN B 256 -10.00 5.01 19.06
N SER B 257 -11.14 4.34 18.87
CA SER B 257 -11.34 3.60 17.63
C SER B 257 -11.64 4.53 16.47
N LEU B 258 -12.45 5.56 16.71
CA LEU B 258 -12.79 6.50 15.64
C LEU B 258 -11.55 7.22 15.13
N THR B 259 -10.70 7.67 16.05
CA THR B 259 -9.49 8.36 15.61
C THR B 259 -8.56 7.41 14.88
N ILE B 260 -8.47 6.15 15.32
CA ILE B 260 -7.61 5.20 14.62
C ILE B 260 -8.10 5.01 13.19
N MET B 261 -9.40 4.80 13.01
CA MET B 261 -9.93 4.56 11.67
C MET B 261 -9.78 5.78 10.78
N VAL B 262 -10.15 6.96 11.29
CA VAL B 262 -10.06 8.18 10.50
C VAL B 262 -8.61 8.45 10.11
N GLY B 263 -7.69 8.32 11.07
CA GLY B 263 -6.29 8.55 10.77
C GLY B 263 -5.73 7.54 9.79
N VAL B 264 -6.14 6.28 9.91
CA VAL B 264 -5.60 5.25 9.02
C VAL B 264 -6.07 5.49 7.59
N ASN B 265 -7.37 5.74 7.40
CA ASN B 265 -7.87 5.98 6.04
C ASN B 265 -7.28 7.27 5.47
N LEU B 266 -7.19 8.32 6.28
CA LEU B 266 -6.59 9.57 5.80
C LEU B 266 -5.13 9.37 5.44
N LEU B 267 -4.40 8.59 6.24
CA LEU B 267 -3.00 8.34 5.97
C LEU B 267 -2.82 7.55 4.68
N VAL B 268 -3.66 6.53 4.45
CA VAL B 268 -3.54 5.75 3.22
C VAL B 268 -3.83 6.62 2.00
N LEU B 269 -4.93 7.40 2.06
CA LEU B 269 -5.28 8.25 0.93
C LEU B 269 -4.19 9.29 0.67
N ALA B 270 -3.73 9.96 1.72
CA ALA B 270 -2.71 10.99 1.58
C ALA B 270 -1.40 10.41 1.07
N ALA B 271 -1.01 9.24 1.59
CA ALA B 271 0.24 8.62 1.16
C ALA B 271 0.19 8.28 -0.32
N GLY B 272 -0.90 7.65 -0.77
CA GLY B 272 -1.02 7.32 -2.18
C GLY B 272 -1.02 8.56 -3.06
N LEU B 273 -1.80 9.57 -2.67
CA LEU B 273 -1.92 10.78 -3.47
C LEU B 273 -0.57 11.49 -3.57
N LEU B 274 0.13 11.61 -2.44
CA LEU B 274 1.40 12.33 -2.44
C LEU B 274 2.47 11.54 -3.19
N PHE B 275 2.44 10.21 -3.10
CA PHE B 275 3.33 9.40 -3.90
C PHE B 275 3.14 9.67 -5.39
N VAL B 276 1.89 9.59 -5.86
CA VAL B 276 1.64 9.80 -7.29
C VAL B 276 2.04 11.20 -7.73
N VAL B 277 1.70 12.23 -6.94
CA VAL B 277 2.00 13.59 -7.36
C VAL B 277 3.50 13.84 -7.38
N THR B 278 4.22 13.41 -6.34
CA THR B 278 5.66 13.63 -6.30
C THR B 278 6.41 12.77 -7.31
N ARG B 279 5.80 11.70 -7.81
CA ARG B 279 6.45 10.94 -8.86
C ARG B 279 6.20 11.53 -10.24
N TYR B 280 4.93 11.65 -10.63
CA TYR B 280 4.60 11.99 -12.01
C TYR B 280 4.47 13.48 -12.26
N LEU B 281 4.72 14.32 -11.26
CA LEU B 281 4.60 15.77 -11.42
C LEU B 281 5.82 16.48 -10.84
N HIS B 282 7.01 15.97 -11.15
CA HIS B 282 8.23 16.66 -10.74
C HIS B 282 8.45 17.96 -11.49
N SER B 283 7.72 18.19 -12.58
CA SER B 283 7.78 19.44 -13.32
C SER B 283 6.76 20.45 -12.82
N TRP B 284 6.04 20.14 -11.74
CA TRP B 284 5.06 21.04 -11.13
C TRP B 284 5.42 21.21 -9.67
N PRO B 285 6.50 21.94 -9.38
CA PRO B 285 6.99 22.01 -7.98
C PRO B 285 5.99 22.60 -7.01
N ASN B 286 5.27 23.64 -7.42
CA ASN B 286 4.32 24.28 -6.52
C ASN B 286 3.19 23.34 -6.14
N LEU B 287 2.68 22.57 -7.12
CA LEU B 287 1.60 21.64 -6.83
C LEU B 287 2.06 20.57 -5.86
N VAL B 288 3.25 20.00 -6.07
CA VAL B 288 3.74 18.96 -5.19
C VAL B 288 3.93 19.49 -3.78
N PHE B 289 4.53 20.68 -3.66
CA PHE B 289 4.77 21.24 -2.33
C PHE B 289 3.46 21.52 -1.61
N GLY B 290 2.52 22.16 -2.31
CA GLY B 290 1.24 22.45 -1.69
C GLY B 290 0.49 21.20 -1.28
N LEU B 291 0.47 20.19 -2.14
CA LEU B 291 -0.24 18.96 -1.83
C LEU B 291 0.40 18.22 -0.66
N THR B 292 1.73 18.16 -0.62
CA THR B 292 2.40 17.47 0.48
C THR B 292 2.15 18.18 1.81
N SER B 293 2.28 19.51 1.82
CA SER B 293 2.00 20.26 3.03
C SER B 293 0.55 20.09 3.46
N GLY B 294 -0.38 20.16 2.51
CA GLY B 294 -1.78 19.98 2.85
C GLY B 294 -2.08 18.62 3.42
N GLY B 295 -1.51 17.56 2.83
CA GLY B 295 -1.75 16.23 3.34
C GLY B 295 -1.21 16.04 4.73
N ILE B 296 0.02 16.48 4.97
CA ILE B 296 0.60 16.37 6.31
C ILE B 296 -0.20 17.17 7.32
N PHE B 297 -0.56 18.41 6.96
CA PHE B 297 -1.32 19.26 7.86
C PHE B 297 -2.65 18.61 8.22
N VAL B 298 -3.39 18.12 7.20
CA VAL B 298 -4.70 17.53 7.45
C VAL B 298 -4.57 16.29 8.32
N CYS B 299 -3.65 15.39 7.98
CA CYS B 299 -3.52 14.15 8.74
C CYS B 299 -3.14 14.43 10.18
N THR B 300 -2.08 15.23 10.40
CA THR B 300 -1.61 15.46 11.75
C THR B 300 -2.63 16.21 12.59
N THR B 301 -3.24 17.26 12.02
CA THR B 301 -4.24 18.02 12.75
C THR B 301 -5.47 17.17 13.05
N THR B 302 -5.91 16.35 12.10
CA THR B 302 -7.05 15.48 12.34
C THR B 302 -6.77 14.52 13.47
N ILE B 303 -5.59 13.90 13.48
CA ILE B 303 -5.25 12.96 14.54
C ILE B 303 -5.24 13.67 15.90
N ASN B 304 -4.53 14.79 15.98
CA ASN B 304 -4.40 15.46 17.27
C ASN B 304 -5.72 16.02 17.76
N CYS B 305 -6.54 16.57 16.85
CA CYS B 305 -7.85 17.06 17.22
C CYS B 305 -8.73 15.94 17.74
N PHE B 306 -8.75 14.79 17.04
CA PHE B 306 -9.54 13.66 17.51
C PHE B 306 -9.07 13.20 18.89
N ILE B 307 -7.75 13.22 19.11
CA ILE B 307 -7.24 12.78 20.41
C ILE B 307 -7.65 13.75 21.51
N PHE B 308 -7.54 15.06 21.27
CA PHE B 308 -7.54 16.02 22.36
C PHE B 308 -8.80 16.85 22.52
N ILE B 309 -9.58 17.09 21.46
CA ILE B 309 -10.77 17.93 21.59
C ILE B 309 -11.78 17.33 22.57
N PRO B 310 -12.10 16.03 22.52
CA PRO B 310 -12.98 15.47 23.57
C PRO B 310 -12.44 15.69 24.97
N GLN B 311 -11.13 15.50 25.17
CA GLN B 311 -10.56 15.73 26.50
C GLN B 311 -10.88 17.13 26.98
N LEU B 312 -10.73 18.13 26.10
CA LEU B 312 -11.11 19.49 26.46
C LEU B 312 -12.59 19.60 26.75
N LYS B 313 -13.43 18.93 25.96
CA LYS B 313 -14.87 19.07 26.15
C LYS B 313 -15.28 18.54 27.52
N GLN B 314 -14.90 17.32 27.87
CA GLN B 314 -15.29 16.80 29.18
C GLN B 314 -14.53 17.47 30.32
N TRP B 315 -13.33 17.99 30.10
CA TRP B 315 -12.69 18.79 31.14
C TRP B 315 -13.51 20.03 31.45
N LYS B 316 -13.85 20.80 30.41
CA LYS B 316 -14.63 22.02 30.63
C LYS B 316 -16.00 21.71 31.21
N ALA B 317 -16.60 20.57 30.80
CA ALA B 317 -17.87 20.18 31.38
C ALA B 317 -17.73 19.84 32.86
N PHE B 318 -16.63 19.18 33.23
CA PHE B 318 -16.43 18.75 34.61
C PHE B 318 -15.70 19.82 35.43
N GLU B 319 -14.50 20.19 35.01
CA GLU B 319 -13.68 21.17 35.71
C GLU B 319 -13.50 20.83 37.19
#